data_7ALL
#
_entry.id   7ALL
#
_cell.length_a   55.136
_cell.length_b   87.799
_cell.length_c   101.833
_cell.angle_alpha   90.000
_cell.angle_beta   90.000
_cell.angle_gamma   90.000
#
_symmetry.space_group_name_H-M   'P 21 21 21'
#
loop_
_entity.id
_entity.type
_entity.pdbx_description
1 polymer Arylsulfatase
2 branched beta-D-galactopyranose-(1-4)-2-acetamido-2-deoxy-alpha-D-glucopyranose
3 non-polymer 'CALCIUM ION'
4 non-polymer 'IODIDE ION'
5 water water
#
_entity_poly.entity_id   1
_entity_poly.type   'polypeptide(L)'
_entity_poly.pdbx_seq_one_letter_code
;MGSSHHHHHHSSGLVPRGSHMASSTPPNIVLILCDDMGFSDLGCYGSEIQTPNIDRLAENGVRFSLFKNTGRCCPSRAAL
LTGHYQHEAGMGWMTAVDEHRPGYRGQITKNIPTIAEVMKANGYSTYMSGKWHVTVDGAFDTPNGSYPAQRGFDKYYGCL
SGGGSYYKPTPVYSNLTRIKEFPDDYYYTTAITDSAVSFVKQHPTDKPMFMYVAHYAPHLPLQAPADRVEKCRDRYKVGY
DMLRKQRFDRLKELKFISDEMDYPVYQKEFDGKRPSWETLTPKQQEQWITDMATYAAMIEIVDSGIGELVETIKEKGMLD
NTVFIFLSDNGATKEGGYLGQLMADLSNTPYRSYKSQCFQGGTSTPFILSYGDAEKNKMKGQICRQPAHIIDILPTCMDI
ATATYPSEFKENLPGKSLLPPIHGKKIKPRELYFEHQSSCAIISNHWKLVRGSRNEPWELIDLSADPFETKDLSAQYPKL
VKKLEAKWNKWAKQCNVFPLENKPWTERINYYLKQNPDQSGIE
;
_entity_poly.pdbx_strand_id   AAA
#
loop_
_chem_comp.id
_chem_comp.type
_chem_comp.name
_chem_comp.formula
CA non-polymer 'CALCIUM ION' 'Ca 2'
GAL D-saccharide, beta linking beta-D-galactopyranose 'C6 H12 O6'
IOD non-polymer 'IODIDE ION' 'I -1'
NDG D-saccharide, alpha linking 2-acetamido-2-deoxy-alpha-D-glucopyranose 'C8 H15 N O6'
#
# COMPACT_ATOMS: atom_id res chain seq x y z
N THR A 25 8.48 -19.05 -21.76
CA THR A 25 7.46 -18.83 -20.68
C THR A 25 7.00 -17.37 -20.67
N PRO A 26 5.76 -17.08 -20.22
CA PRO A 26 5.34 -15.69 -20.04
C PRO A 26 6.17 -15.09 -18.90
N PRO A 27 6.26 -13.75 -18.79
CA PRO A 27 7.17 -13.12 -17.86
C PRO A 27 6.89 -13.40 -16.38
N ASN A 28 7.97 -13.42 -15.62
CA ASN A 28 7.91 -13.54 -14.16
C ASN A 28 7.44 -12.19 -13.65
N ILE A 29 6.73 -12.23 -12.53
CA ILE A 29 6.26 -10.96 -11.89
C ILE A 29 6.74 -11.01 -10.44
N VAL A 30 7.40 -9.96 -10.01
CA VAL A 30 7.82 -9.72 -8.61
C VAL A 30 7.09 -8.49 -8.13
N LEU A 31 6.11 -8.71 -7.26
CA LEU A 31 5.15 -7.69 -6.82
C LEU A 31 5.49 -7.39 -5.36
N ILE A 32 6.01 -6.19 -5.11
CA ILE A 32 6.55 -5.76 -3.82
C ILE A 32 5.59 -4.70 -3.24
N LEU A 33 5.13 -4.95 -2.02
CA LEU A 33 4.20 -4.08 -1.29
C LEU A 33 4.82 -3.69 0.04
N CYS A 34 5.14 -2.43 0.23
CA CYS A 34 5.48 -1.91 1.56
C CYS A 34 4.23 -1.50 2.33
N ASP A 35 4.41 -1.25 3.64
CA ASP A 35 3.28 -1.17 4.60
C ASP A 35 3.32 0.18 5.33
N ASP A 36 2.37 1.07 5.03
CA ASP A 36 2.22 2.40 5.67
C ASP A 36 3.36 3.31 5.22
N MET A 37 3.90 3.05 4.02
CA MET A 37 4.86 3.98 3.38
C MET A 37 4.10 5.15 2.74
N GLY A 38 4.58 6.39 2.93
CA GLY A 38 3.98 7.62 2.40
C GLY A 38 4.43 7.95 0.99
N PHE A 39 3.72 8.85 0.33
CA PHE A 39 3.88 9.18 -1.10
C PHE A 39 5.35 9.48 -1.46
N SER A 40 6.05 10.27 -0.64
CA SER A 40 7.39 10.81 -0.96
C SER A 40 8.51 10.11 -0.17
N ASP A 41 8.28 8.93 0.41
CA ASP A 41 9.30 8.23 1.23
C ASP A 41 10.43 7.65 0.36
N LEU A 42 10.22 7.31 -0.93
CA LEU A 42 11.28 6.79 -1.83
C LEU A 42 12.15 7.95 -2.33
N GLY A 43 13.45 7.67 -2.50
CA GLY A 43 14.38 8.64 -3.09
C GLY A 43 13.84 9.17 -4.41
N CYS A 44 13.26 8.31 -5.23
CA CYS A 44 12.78 8.65 -6.57
C CYS A 44 11.41 9.36 -6.52
N TYR A 45 10.87 9.63 -5.33
CA TYR A 45 9.66 10.46 -5.09
C TYR A 45 10.05 11.62 -4.17
N GLY A 46 11.36 11.91 -4.04
CA GLY A 46 11.86 13.18 -3.45
C GLY A 46 12.38 13.00 -2.02
N SER A 47 12.58 11.76 -1.55
CA SER A 47 12.97 11.45 -0.17
C SER A 47 14.44 11.78 0.13
N GLU A 48 14.71 12.02 1.41
CA GLU A 48 16.06 11.98 2.01
C GLU A 48 16.39 10.54 2.44
N ILE A 49 15.43 9.64 2.43
CA ILE A 49 15.69 8.20 2.68
C ILE A 49 16.39 7.64 1.43
N GLN A 50 17.47 6.87 1.60
N GLN A 50 17.45 6.86 1.63
CA GLN A 50 18.28 6.38 0.46
CA GLN A 50 18.27 6.32 0.53
C GLN A 50 17.74 5.01 0.05
C GLN A 50 17.65 5.00 0.10
N THR A 51 17.11 4.96 -1.13
CA THR A 51 16.48 3.74 -1.68
C THR A 51 17.08 3.46 -3.05
N PRO A 52 18.41 3.22 -3.14
CA PRO A 52 19.06 3.08 -4.44
C PRO A 52 18.55 1.90 -5.28
N ASN A 53 18.20 0.77 -4.66
CA ASN A 53 17.74 -0.41 -5.44
C ASN A 53 16.35 -0.19 -6.02
N ILE A 54 15.40 0.31 -5.24
CA ILE A 54 14.06 0.72 -5.77
C ILE A 54 14.23 1.85 -6.80
N ASP A 55 15.08 2.85 -6.54
CA ASP A 55 15.24 3.99 -7.46
C ASP A 55 15.79 3.50 -8.80
N ARG A 56 16.60 2.43 -8.81
CA ARG A 56 17.17 1.85 -10.05
C ARG A 56 16.01 1.19 -10.82
N LEU A 57 15.08 0.51 -10.15
CA LEU A 57 13.86 0.00 -10.84
C LEU A 57 13.11 1.18 -11.48
N ALA A 58 12.96 2.30 -10.78
CA ALA A 58 12.27 3.49 -11.34
C ALA A 58 13.05 4.02 -12.55
N GLU A 59 14.38 4.12 -12.44
CA GLU A 59 15.22 4.68 -13.54
C GLU A 59 15.09 3.80 -14.78
N ASN A 60 15.02 2.49 -14.60
CA ASN A 60 14.91 1.53 -15.71
C ASN A 60 13.48 1.59 -16.26
N GLY A 61 12.49 1.89 -15.40
CA GLY A 61 11.09 1.64 -15.68
C GLY A 61 10.27 2.91 -15.65
N VAL A 62 9.10 2.84 -15.04
CA VAL A 62 8.15 3.97 -15.01
C VAL A 62 7.64 4.15 -13.59
N ARG A 63 7.44 5.40 -13.20
CA ARG A 63 6.80 5.78 -11.93
C ARG A 63 5.43 6.37 -12.27
N PHE A 64 4.42 6.04 -11.48
CA PHE A 64 3.08 6.68 -11.61
C PHE A 64 2.96 7.78 -10.57
N SER A 65 2.34 8.89 -10.94
CA SER A 65 2.12 10.06 -10.05
C SER A 65 0.74 10.02 -9.37
N LEU A 66 -0.23 9.28 -9.96
CA LEU A 66 -1.67 9.37 -9.56
C LEU A 66 -2.22 7.99 -9.20
N PHE A 67 -1.37 7.09 -8.69
CA PHE A 67 -1.78 5.76 -8.22
C PHE A 67 -2.33 5.93 -6.80
N LYS A 68 -3.50 5.37 -6.55
CA LYS A 68 -4.18 5.43 -5.22
C LYS A 68 -4.40 4.04 -4.66
N ASN A 69 -4.40 3.95 -3.33
CA ASN A 69 -4.80 2.70 -2.63
C ASN A 69 -5.99 3.02 -1.74
N THR A 70 -6.42 2.09 -0.87
CA THR A 70 -7.70 2.26 -0.15
C THR A 70 -7.61 3.20 1.06
N GLY A 71 -6.40 3.42 1.57
CA GLY A 71 -6.19 4.18 2.82
C GLY A 71 -5.90 3.30 4.04
N ARG A 72 -6.08 1.96 3.97
N ARG A 72 -6.04 1.97 3.94
CA ARG A 72 -5.86 1.08 5.15
CA ARG A 72 -5.60 1.13 5.08
C ARG A 72 -5.36 -0.32 4.70
C ARG A 72 -5.32 -0.31 4.67
N CYS A 73 -4.62 -1.02 5.56
CA CYS A 73 -3.94 -2.30 5.29
C CYS A 73 -4.90 -3.35 4.72
N CYS A 74 -5.87 -3.80 5.50
CA CYS A 74 -6.67 -4.98 5.10
C CYS A 74 -7.45 -4.67 3.83
N PRO A 75 -8.15 -3.52 3.71
CA PRO A 75 -8.88 -3.23 2.48
C PRO A 75 -7.93 -3.21 1.27
N SER A 76 -6.76 -2.58 1.41
CA SER A 76 -5.80 -2.49 0.27
C SER A 76 -5.35 -3.89 -0.15
N ARG A 77 -5.08 -4.77 0.82
CA ARG A 77 -4.58 -6.13 0.56
C ARG A 77 -5.70 -6.97 -0.07
N ALA A 78 -6.91 -6.86 0.40
CA ALA A 78 -8.10 -7.50 -0.24
C ALA A 78 -8.25 -7.04 -1.69
N ALA A 79 -8.17 -5.74 -1.95
CA ALA A 79 -8.36 -5.15 -3.30
C ALA A 79 -7.20 -5.59 -4.19
N LEU A 80 -5.97 -5.57 -3.68
CA LEU A 80 -4.79 -6.00 -4.46
C LEU A 80 -4.99 -7.47 -4.88
N LEU A 81 -5.34 -8.32 -3.93
CA LEU A 81 -5.40 -9.79 -4.18
C LEU A 81 -6.55 -10.12 -5.12
N THR A 82 -7.68 -9.42 -5.05
CA THR A 82 -8.90 -9.85 -5.79
C THR A 82 -9.11 -9.02 -7.07
N GLY A 83 -8.56 -7.81 -7.16
CA GLY A 83 -8.90 -6.86 -8.24
C GLY A 83 -10.27 -6.22 -8.03
N HIS A 84 -10.90 -6.45 -6.88
CA HIS A 84 -12.24 -5.90 -6.54
C HIS A 84 -12.12 -4.87 -5.43
N TYR A 85 -13.13 -4.02 -5.30
CA TYR A 85 -13.21 -3.09 -4.15
C TYR A 85 -13.33 -3.91 -2.87
N GLN A 86 -12.81 -3.35 -1.80
CA GLN A 86 -12.53 -4.10 -0.54
C GLN A 86 -13.81 -4.76 0.00
N HIS A 87 -14.93 -4.05 -0.04
CA HIS A 87 -16.19 -4.55 0.58
C HIS A 87 -16.74 -5.70 -0.25
N GLU A 88 -16.55 -5.67 -1.58
CA GLU A 88 -17.02 -6.79 -2.45
C GLU A 88 -16.28 -8.07 -2.04
N ALA A 89 -15.02 -7.95 -1.58
CA ALA A 89 -14.16 -9.08 -1.21
C ALA A 89 -14.39 -9.49 0.26
N GLY A 90 -15.26 -8.79 1.00
CA GLY A 90 -15.59 -9.04 2.42
C GLY A 90 -14.70 -8.33 3.42
N MET A 91 -13.85 -7.42 2.95
CA MET A 91 -12.94 -6.66 3.83
C MET A 91 -13.26 -5.17 3.79
N GLY A 92 -14.47 -4.80 4.19
CA GLY A 92 -14.79 -3.37 4.31
C GLY A 92 -13.98 -2.69 5.39
N TRP A 93 -13.58 -3.40 6.46
CA TRP A 93 -12.86 -2.75 7.58
C TRP A 93 -11.54 -3.49 7.81
N MET A 94 -11.44 -4.43 8.77
CA MET A 94 -10.15 -5.02 9.16
C MET A 94 -10.35 -6.45 9.62
N THR A 95 -9.24 -7.19 9.73
CA THR A 95 -9.24 -8.60 10.21
C THR A 95 -9.58 -8.64 11.70
N ALA A 96 -9.54 -7.49 12.39
CA ALA A 96 -9.76 -7.46 13.87
C ALA A 96 -11.11 -8.06 14.24
N VAL A 97 -12.15 -7.92 13.42
CA VAL A 97 -13.46 -8.55 13.75
C VAL A 97 -14.25 -8.88 12.49
N ASP A 98 -14.86 -10.06 12.49
CA ASP A 98 -15.96 -10.43 11.57
C ASP A 98 -17.25 -9.81 12.10
N GLU A 99 -17.88 -8.92 11.32
CA GLU A 99 -19.13 -8.21 11.70
C GLU A 99 -20.35 -9.02 11.28
N HIS A 100 -20.15 -10.18 10.65
CA HIS A 100 -21.22 -11.12 10.22
C HIS A 100 -22.31 -10.34 9.45
N ARG A 101 -21.89 -9.45 8.56
CA ARG A 101 -22.80 -8.73 7.65
C ARG A 101 -22.09 -8.59 6.32
N PRO A 102 -22.87 -8.50 5.21
CA PRO A 102 -22.27 -8.30 3.89
C PRO A 102 -21.28 -7.11 3.92
N GLY A 103 -20.09 -7.32 3.35
CA GLY A 103 -19.06 -6.28 3.17
C GLY A 103 -18.03 -6.27 4.29
N TYR A 104 -18.33 -6.83 5.46
CA TYR A 104 -17.50 -6.67 6.67
C TYR A 104 -17.29 -8.02 7.38
N ARG A 105 -16.59 -8.93 6.72
CA ARG A 105 -16.40 -10.30 7.27
C ARG A 105 -15.02 -10.45 7.91
N GLY A 106 -14.20 -9.38 7.91
CA GLY A 106 -12.85 -9.44 8.50
C GLY A 106 -11.93 -10.39 7.75
N GLN A 107 -12.31 -10.81 6.53
CA GLN A 107 -11.59 -11.88 5.80
C GLN A 107 -11.98 -11.90 4.32
N ILE A 108 -11.01 -12.16 3.44
CA ILE A 108 -11.29 -12.24 1.98
C ILE A 108 -12.21 -13.42 1.72
N THR A 109 -13.22 -13.22 0.87
CA THR A 109 -14.19 -14.27 0.45
C THR A 109 -13.48 -15.33 -0.40
N LYS A 110 -13.94 -16.58 -0.26
CA LYS A 110 -13.66 -17.72 -1.18
C LYS A 110 -14.28 -17.46 -2.56
N ASN A 111 -15.22 -16.52 -2.70
CA ASN A 111 -16.08 -16.46 -3.92
C ASN A 111 -15.44 -15.61 -5.03
N ILE A 112 -14.27 -15.01 -4.79
CA ILE A 112 -13.52 -14.26 -5.83
C ILE A 112 -12.10 -14.81 -5.76
N PRO A 113 -11.49 -15.21 -6.90
CA PRO A 113 -10.15 -15.78 -6.86
C PRO A 113 -9.12 -14.70 -6.53
N THR A 114 -8.03 -15.11 -5.89
CA THR A 114 -6.90 -14.19 -5.64
C THR A 114 -6.01 -14.16 -6.88
N ILE A 115 -5.15 -13.17 -6.95
CA ILE A 115 -4.10 -13.06 -7.99
C ILE A 115 -3.27 -14.36 -8.02
N ALA A 116 -3.00 -14.97 -6.87
CA ALA A 116 -2.19 -16.22 -6.80
C ALA A 116 -2.98 -17.34 -7.50
N GLU A 117 -4.27 -17.46 -7.22
CA GLU A 117 -5.13 -18.49 -7.87
C GLU A 117 -5.23 -18.20 -9.38
N VAL A 118 -5.27 -16.94 -9.80
CA VAL A 118 -5.35 -16.59 -11.25
C VAL A 118 -4.04 -17.00 -11.93
N MET A 119 -2.91 -16.65 -11.32
CA MET A 119 -1.58 -16.92 -11.92
C MET A 119 -1.36 -18.44 -11.95
N LYS A 120 -1.65 -19.13 -10.86
CA LYS A 120 -1.54 -20.60 -10.79
C LYS A 120 -2.37 -21.27 -11.90
N ALA A 121 -3.59 -20.81 -12.16
CA ALA A 121 -4.46 -21.40 -13.21
C ALA A 121 -3.84 -21.26 -14.59
N ASN A 122 -2.87 -20.35 -14.76
CA ASN A 122 -2.15 -20.03 -16.01
C ASN A 122 -0.70 -20.56 -15.99
N GLY A 123 -0.41 -21.50 -15.09
CA GLY A 123 0.83 -22.30 -15.05
C GLY A 123 1.94 -21.64 -14.24
N TYR A 124 1.66 -20.56 -13.52
CA TYR A 124 2.68 -19.88 -12.70
C TYR A 124 2.93 -20.67 -11.41
N SER A 125 4.19 -20.75 -11.00
CA SER A 125 4.58 -21.05 -9.60
C SER A 125 4.29 -19.79 -8.79
N THR A 126 3.69 -19.95 -7.61
CA THR A 126 3.22 -18.79 -6.80
C THR A 126 3.92 -18.78 -5.44
N TYR A 127 4.59 -17.68 -5.10
CA TYR A 127 5.31 -17.58 -3.82
C TYR A 127 4.93 -16.27 -3.13
N MET A 128 4.79 -16.33 -1.81
CA MET A 128 4.57 -15.13 -0.99
C MET A 128 5.48 -15.12 0.23
N SER A 129 6.06 -13.96 0.51
CA SER A 129 6.85 -13.70 1.72
C SER A 129 6.22 -12.48 2.42
N GLY A 130 5.91 -12.60 3.71
CA GLY A 130 5.60 -11.44 4.57
C GLY A 130 4.13 -11.38 4.99
N LYS A 131 3.63 -10.15 5.13
CA LYS A 131 2.39 -9.81 5.87
C LYS A 131 1.15 -10.18 5.02
N TRP A 132 0.24 -10.98 5.57
CA TRP A 132 -1.03 -11.35 4.88
C TRP A 132 -2.15 -10.36 5.24
N HIS A 133 -2.65 -10.41 6.46
CA HIS A 133 -3.61 -9.42 7.02
C HIS A 133 -4.92 -9.44 6.24
N VAL A 134 -5.34 -10.60 5.73
CA VAL A 134 -6.71 -10.74 5.18
C VAL A 134 -7.35 -12.05 5.71
N THR A 135 -6.79 -12.63 6.77
CA THR A 135 -7.38 -13.74 7.54
C THR A 135 -7.91 -13.19 8.87
N VAL A 136 -9.13 -13.52 9.24
CA VAL A 136 -9.75 -12.97 10.47
C VAL A 136 -8.86 -13.30 11.68
N ASP A 137 -8.67 -12.35 12.59
CA ASP A 137 -7.68 -12.46 13.69
C ASP A 137 -8.01 -13.68 14.57
N GLY A 138 -9.28 -14.06 14.66
CA GLY A 138 -9.68 -15.21 15.49
C GLY A 138 -9.30 -16.54 14.87
N ALA A 139 -8.72 -16.58 13.66
CA ALA A 139 -8.39 -17.85 12.93
C ALA A 139 -6.86 -18.05 12.86
N PHE A 140 -6.09 -17.46 13.77
CA PHE A 140 -4.61 -17.43 13.73
C PHE A 140 -4.00 -18.76 14.23
N ASP A 141 -4.78 -19.67 14.81
CA ASP A 141 -4.19 -20.91 15.41
C ASP A 141 -4.37 -22.12 14.51
N THR A 142 -5.28 -22.06 13.54
CA THR A 142 -5.50 -23.18 12.59
C THR A 142 -5.98 -22.62 11.26
N PRO A 143 -5.45 -23.15 10.12
CA PRO A 143 -5.92 -22.78 8.81
C PRO A 143 -7.45 -22.89 8.79
N ASN A 144 -8.12 -21.91 8.17
CA ASN A 144 -9.60 -21.86 8.08
C ASN A 144 -10.07 -21.74 6.63
N GLY A 145 -9.15 -21.89 5.65
CA GLY A 145 -9.45 -21.80 4.21
C GLY A 145 -8.95 -20.49 3.59
N SER A 146 -8.57 -19.50 4.41
CA SER A 146 -8.18 -18.14 3.92
C SER A 146 -6.67 -17.94 4.00
N TYR A 147 -5.91 -18.94 4.47
CA TYR A 147 -4.44 -18.77 4.63
C TYR A 147 -3.81 -18.64 3.24
N PRO A 148 -2.66 -17.95 3.12
CA PRO A 148 -1.97 -17.81 1.83
C PRO A 148 -1.86 -19.11 1.03
N ALA A 149 -1.46 -20.20 1.67
CA ALA A 149 -1.20 -21.48 0.97
C ALA A 149 -2.51 -22.20 0.67
N GLN A 150 -3.66 -21.72 1.17
CA GLN A 150 -5.01 -22.19 0.77
C GLN A 150 -5.62 -21.28 -0.30
N ARG A 151 -5.04 -20.11 -0.59
CA ARG A 151 -5.63 -19.13 -1.53
C ARG A 151 -4.65 -18.88 -2.68
N GLY A 152 -3.99 -19.95 -3.15
CA GLY A 152 -3.28 -19.91 -4.43
C GLY A 152 -1.77 -19.95 -4.33
N PHE A 153 -1.16 -19.74 -3.15
CA PHE A 153 0.32 -19.68 -3.01
C PHE A 153 0.88 -21.09 -2.76
N ASP A 154 1.78 -21.52 -3.63
CA ASP A 154 2.55 -22.78 -3.54
C ASP A 154 3.46 -22.68 -2.33
N LYS A 155 4.08 -21.53 -2.13
CA LYS A 155 4.96 -21.34 -0.95
C LYS A 155 4.58 -20.04 -0.26
N TYR A 156 4.54 -20.10 1.06
CA TYR A 156 4.34 -18.91 1.93
C TYR A 156 5.33 -18.95 3.09
N TYR A 157 5.94 -17.81 3.38
CA TYR A 157 6.62 -17.57 4.66
C TYR A 157 6.22 -16.18 5.13
N GLY A 158 5.65 -16.06 6.33
CA GLY A 158 5.46 -14.75 6.95
C GLY A 158 4.48 -14.81 8.10
N CYS A 159 4.13 -13.65 8.60
CA CYS A 159 3.20 -13.50 9.72
C CYS A 159 1.82 -13.17 9.15
N LEU A 160 0.79 -13.87 9.58
CA LEU A 160 -0.60 -13.57 9.13
C LEU A 160 -1.10 -12.23 9.69
N SER A 161 -0.57 -11.80 10.84
N SER A 161 -0.60 -11.80 10.86
CA SER A 161 -1.04 -10.61 11.57
CA SER A 161 -1.14 -10.62 11.58
C SER A 161 -0.75 -9.33 10.80
C SER A 161 -0.71 -9.31 10.90
N GLY A 162 -1.53 -8.27 11.08
CA GLY A 162 -1.23 -6.91 10.60
C GLY A 162 -0.37 -6.11 11.54
N GLY A 163 -0.15 -6.59 12.77
CA GLY A 163 0.60 -5.84 13.79
C GLY A 163 1.67 -6.70 14.45
N GLY A 164 2.31 -6.13 15.45
CA GLY A 164 3.31 -6.83 16.26
C GLY A 164 4.71 -6.37 15.96
N SER A 165 5.68 -6.99 16.62
CA SER A 165 7.09 -6.53 16.63
C SER A 165 7.84 -7.14 15.45
N TYR A 166 8.97 -6.56 15.10
CA TYR A 166 9.94 -7.08 14.10
C TYR A 166 10.75 -8.26 14.66
N TYR A 167 10.78 -8.42 15.99
CA TYR A 167 11.67 -9.39 16.68
C TYR A 167 10.91 -10.68 16.98
N LYS A 168 9.59 -10.63 17.13
CA LYS A 168 8.79 -11.88 17.28
C LYS A 168 7.36 -11.69 16.80
N PRO A 169 7.20 -11.70 15.47
CA PRO A 169 5.89 -11.62 14.86
C PRO A 169 5.12 -12.89 15.23
N THR A 170 3.82 -12.77 15.35
CA THR A 170 2.94 -13.95 15.57
C THR A 170 1.60 -13.73 14.89
N PRO A 171 0.98 -14.76 14.26
CA PRO A 171 1.63 -16.07 14.07
C PRO A 171 2.43 -16.14 12.78
N VAL A 172 3.62 -16.76 12.82
CA VAL A 172 4.42 -17.00 11.60
C VAL A 172 4.10 -18.40 11.10
N TYR A 173 3.87 -18.52 9.80
CA TYR A 173 3.59 -19.80 9.13
C TYR A 173 4.57 -19.99 7.99
N SER A 174 5.03 -21.22 7.85
CA SER A 174 5.67 -21.74 6.63
C SER A 174 4.63 -22.61 5.96
N ASN A 175 3.98 -22.12 4.89
CA ASN A 175 2.76 -22.74 4.29
C ASN A 175 1.70 -22.87 5.40
N LEU A 176 1.36 -24.07 5.85
CA LEU A 176 0.35 -24.25 6.91
C LEU A 176 1.02 -24.65 8.24
N THR A 177 2.35 -24.74 8.29
CA THR A 177 3.08 -25.08 9.54
C THR A 177 3.36 -23.85 10.39
N ARG A 178 2.92 -23.91 11.64
CA ARG A 178 3.16 -22.81 12.60
C ARG A 178 4.64 -22.85 12.98
N ILE A 179 5.31 -21.71 12.95
CA ILE A 179 6.73 -21.56 13.40
C ILE A 179 6.69 -20.83 14.74
N LYS A 180 7.15 -21.49 15.80
CA LYS A 180 7.11 -20.99 17.20
C LYS A 180 8.50 -20.53 17.64
N GLU A 181 9.56 -21.02 17.01
CA GLU A 181 10.95 -20.74 17.44
C GLU A 181 11.65 -19.87 16.39
N PHE A 182 12.40 -18.89 16.86
CA PHE A 182 13.08 -17.86 16.03
C PHE A 182 14.56 -17.83 16.40
N PRO A 183 15.45 -17.64 15.42
CA PRO A 183 16.88 -17.48 15.68
C PRO A 183 17.09 -16.19 16.47
N ASP A 184 18.20 -16.06 17.21
CA ASP A 184 18.35 -14.99 18.24
C ASP A 184 18.49 -13.60 17.60
N ASP A 185 18.97 -13.51 16.36
CA ASP A 185 19.16 -12.24 15.60
C ASP A 185 17.98 -12.00 14.63
N TYR A 186 16.85 -12.67 14.82
CA TYR A 186 15.67 -12.55 13.92
C TYR A 186 15.28 -11.08 13.77
N TYR A 187 15.08 -10.63 12.53
CA TYR A 187 14.45 -9.34 12.19
C TYR A 187 13.49 -9.62 11.03
N TYR A 188 12.19 -9.28 11.21
CA TYR A 188 11.12 -9.73 10.29
C TYR A 188 11.45 -9.30 8.86
N THR A 189 11.91 -8.06 8.62
CA THR A 189 12.24 -7.58 7.25
C THR A 189 13.30 -8.49 6.62
N THR A 190 14.35 -8.84 7.37
CA THR A 190 15.42 -9.73 6.88
C THR A 190 14.81 -11.10 6.56
N ALA A 191 13.94 -11.62 7.39
CA ALA A 191 13.35 -12.98 7.15
C ALA A 191 12.49 -12.95 5.88
N ILE A 192 11.77 -11.87 5.67
CA ILE A 192 10.92 -11.69 4.45
C ILE A 192 11.84 -11.72 3.22
N THR A 193 12.87 -10.89 3.21
CA THR A 193 13.84 -10.84 2.08
C THR A 193 14.49 -12.21 1.91
N ASP A 194 14.96 -12.84 3.00
CA ASP A 194 15.68 -14.13 2.89
C ASP A 194 14.74 -15.21 2.37
N SER A 195 13.48 -15.21 2.78
CA SER A 195 12.53 -16.25 2.32
C SER A 195 12.28 -16.03 0.82
N ALA A 196 12.11 -14.78 0.39
CA ALA A 196 11.86 -14.43 -1.04
C ALA A 196 13.07 -14.85 -1.85
N VAL A 197 14.28 -14.49 -1.40
CA VAL A 197 15.54 -14.90 -2.09
C VAL A 197 15.56 -16.44 -2.23
N SER A 198 15.23 -17.18 -1.17
N SER A 198 15.28 -17.17 -1.15
CA SER A 198 15.25 -18.67 -1.13
CA SER A 198 15.25 -18.66 -1.16
C SER A 198 14.22 -19.27 -2.10
C SER A 198 14.29 -19.14 -2.24
N PHE A 199 13.07 -18.62 -2.24
CA PHE A 199 12.03 -19.05 -3.19
C PHE A 199 12.53 -18.86 -4.64
N VAL A 200 13.18 -17.76 -4.93
CA VAL A 200 13.74 -17.53 -6.28
C VAL A 200 14.88 -18.54 -6.52
N LYS A 201 15.76 -18.76 -5.55
CA LYS A 201 16.90 -19.69 -5.76
C LYS A 201 16.35 -21.07 -6.16
N GLN A 202 15.26 -21.52 -5.54
CA GLN A 202 14.71 -22.91 -5.70
C GLN A 202 13.78 -22.96 -6.91
N HIS A 203 13.50 -21.82 -7.53
CA HIS A 203 12.49 -21.72 -8.61
C HIS A 203 12.98 -22.42 -9.87
N PRO A 204 12.23 -23.40 -10.43
CA PRO A 204 12.61 -23.99 -11.72
C PRO A 204 12.42 -22.97 -12.84
N THR A 205 13.50 -22.61 -13.55
CA THR A 205 13.47 -21.48 -14.52
C THR A 205 12.69 -21.86 -15.79
N ASP A 206 12.25 -23.10 -15.95
CA ASP A 206 11.40 -23.48 -17.12
C ASP A 206 9.94 -23.09 -16.85
N LYS A 207 9.62 -22.65 -15.63
CA LYS A 207 8.24 -22.20 -15.27
C LYS A 207 8.21 -20.70 -15.02
N PRO A 208 7.08 -20.03 -15.31
CA PRO A 208 6.92 -18.64 -14.91
C PRO A 208 6.70 -18.54 -13.41
N MET A 209 7.22 -17.49 -12.79
CA MET A 209 7.11 -17.24 -11.32
C MET A 209 6.24 -16.01 -11.05
N PHE A 210 5.30 -16.13 -10.11
CA PHE A 210 4.57 -15.01 -9.48
C PHE A 210 5.01 -14.96 -8.02
N MET A 211 5.63 -13.86 -7.64
CA MET A 211 6.23 -13.69 -6.32
C MET A 211 5.67 -12.40 -5.71
N TYR A 212 5.04 -12.54 -4.55
CA TYR A 212 4.45 -11.41 -3.80
C TYR A 212 5.30 -11.22 -2.55
N VAL A 213 5.97 -10.07 -2.46
CA VAL A 213 6.81 -9.71 -1.31
C VAL A 213 6.06 -8.60 -0.56
N ALA A 214 5.45 -8.98 0.54
CA ALA A 214 4.62 -8.10 1.38
C ALA A 214 5.46 -7.69 2.58
N HIS A 215 6.27 -6.65 2.44
CA HIS A 215 7.10 -6.15 3.55
C HIS A 215 6.25 -5.56 4.66
N TYR A 216 6.73 -5.69 5.91
CA TYR A 216 6.08 -5.09 7.09
C TYR A 216 6.54 -3.63 7.18
N ALA A 217 7.78 -3.35 6.82
CA ALA A 217 8.33 -1.98 6.95
C ALA A 217 7.63 -1.05 5.97
N PRO A 218 7.42 0.24 6.32
CA PRO A 218 7.78 0.81 7.63
C PRO A 218 6.66 0.84 8.68
N HIS A 219 5.87 -0.22 8.79
CA HIS A 219 4.79 -0.32 9.80
C HIS A 219 5.44 -0.26 11.21
N LEU A 220 4.69 0.28 12.15
CA LEU A 220 5.12 0.35 13.58
C LEU A 220 5.21 -1.06 14.14
N PRO A 221 5.99 -1.29 15.21
CA PRO A 221 6.77 -0.26 15.90
C PRO A 221 8.08 0.13 15.19
N LEU A 222 8.71 1.20 15.65
CA LEU A 222 9.97 1.69 15.05
C LEU A 222 11.11 0.83 15.58
N GLN A 223 11.49 -0.19 14.81
CA GLN A 223 12.56 -1.15 15.23
C GLN A 223 13.48 -1.41 14.03
N ALA A 224 14.77 -1.25 14.24
CA ALA A 224 15.82 -1.50 13.24
C ALA A 224 17.13 -1.69 13.97
N PRO A 225 18.06 -2.49 13.39
CA PRO A 225 19.41 -2.61 13.94
C PRO A 225 20.04 -1.23 14.12
N ALA A 226 20.65 -1.02 15.28
CA ALA A 226 21.26 0.26 15.71
C ALA A 226 22.21 0.84 14.65
N ASP A 227 23.02 0.04 13.95
CA ASP A 227 23.99 0.58 12.95
C ASP A 227 23.23 1.24 11.78
N ARG A 228 22.10 0.68 11.37
CA ARG A 228 21.29 1.27 10.29
C ARG A 228 20.59 2.54 10.76
N VAL A 229 20.11 2.60 12.01
CA VAL A 229 19.54 3.83 12.62
C VAL A 229 20.64 4.90 12.60
N GLU A 230 21.83 4.58 13.10
CA GLU A 230 22.89 5.60 13.28
C GLU A 230 23.33 6.07 11.89
N LYS A 231 23.25 5.20 10.88
CA LYS A 231 23.57 5.58 9.48
C LYS A 231 22.62 6.68 9.00
N CYS A 232 21.37 6.70 9.48
CA CYS A 232 20.30 7.65 9.05
C CYS A 232 20.20 8.90 9.95
N ARG A 233 20.72 8.87 11.18
CA ARG A 233 20.42 9.86 12.23
C ARG A 233 20.82 11.28 11.82
N ASP A 234 22.00 11.49 11.23
CA ASP A 234 22.57 12.85 11.04
C ASP A 234 21.64 13.72 10.22
N ARG A 235 21.14 13.22 9.07
CA ARG A 235 20.28 14.03 8.15
C ARG A 235 19.00 14.50 8.84
N TYR A 236 18.54 13.85 9.90
CA TYR A 236 17.25 14.21 10.57
C TYR A 236 17.48 15.33 11.60
N LYS A 237 18.73 15.64 11.96
CA LYS A 237 19.03 16.66 13.01
C LYS A 237 18.47 18.04 12.63
N VAL A 238 18.26 18.33 11.34
CA VAL A 238 17.71 19.63 10.85
C VAL A 238 16.21 19.75 11.15
N GLY A 239 15.53 18.64 11.47
CA GLY A 239 14.09 18.69 11.76
C GLY A 239 13.19 18.58 10.54
N TYR A 240 11.91 18.34 10.81
CA TYR A 240 10.92 17.97 9.77
C TYR A 240 10.59 19.17 8.87
N ASP A 241 10.69 20.41 9.36
CA ASP A 241 10.29 21.58 8.53
C ASP A 241 11.28 21.71 7.37
N MET A 242 12.57 21.64 7.65
CA MET A 242 13.62 21.75 6.60
C MET A 242 13.51 20.55 5.66
N LEU A 243 13.33 19.35 6.23
CA LEU A 243 13.30 18.11 5.40
C LEU A 243 12.04 18.11 4.53
N ARG A 244 10.94 18.63 5.04
CA ARG A 244 9.63 18.52 4.35
C ARG A 244 9.62 19.47 3.15
N LYS A 245 10.14 20.69 3.36
CA LYS A 245 10.27 21.67 2.26
C LYS A 245 11.24 21.11 1.23
N GLN A 246 12.29 20.41 1.67
CA GLN A 246 13.29 19.86 0.72
C GLN A 246 12.64 18.74 -0.10
N ARG A 247 11.81 17.91 0.53
CA ARG A 247 11.06 16.89 -0.23
C ARG A 247 10.16 17.56 -1.28
N PHE A 248 9.43 18.59 -0.86
CA PHE A 248 8.52 19.36 -1.74
C PHE A 248 9.30 19.86 -2.95
N ASP A 249 10.46 20.46 -2.69
CA ASP A 249 11.29 21.07 -3.77
C ASP A 249 11.80 19.95 -4.70
N ARG A 250 12.16 18.77 -4.17
CA ARG A 250 12.57 17.60 -5.00
C ARG A 250 11.37 17.12 -5.82
N LEU A 251 10.17 17.09 -5.25
CA LEU A 251 8.96 16.69 -6.00
C LEU A 251 8.76 17.64 -7.21
N LYS A 252 9.06 18.93 -7.08
CA LYS A 252 9.02 19.86 -8.25
C LYS A 252 10.12 19.52 -9.27
N GLU A 253 11.37 19.33 -8.81
CA GLU A 253 12.55 19.03 -9.67
C GLU A 253 12.25 17.73 -10.44
N LEU A 254 11.66 16.74 -9.78
CA LEU A 254 11.35 15.42 -10.38
C LEU A 254 10.11 15.48 -11.30
N LYS A 255 9.34 16.57 -11.31
CA LYS A 255 8.16 16.81 -12.18
C LYS A 255 6.93 16.05 -11.67
N PHE A 256 6.85 15.75 -10.37
CA PHE A 256 5.56 15.32 -9.75
C PHE A 256 4.61 16.50 -9.57
N ILE A 257 5.13 17.69 -9.27
CA ILE A 257 4.24 18.84 -8.99
C ILE A 257 4.74 20.05 -9.77
N SER A 258 3.81 20.83 -10.32
CA SER A 258 4.07 22.00 -11.20
C SER A 258 4.88 23.01 -10.41
N ASP A 259 5.75 23.74 -11.11
CA ASP A 259 6.71 24.69 -10.49
C ASP A 259 5.95 25.75 -9.67
N GLU A 260 4.72 26.08 -10.04
CA GLU A 260 3.99 27.26 -9.48
C GLU A 260 3.36 26.91 -8.12
N MET A 261 3.22 25.62 -7.79
CA MET A 261 2.43 25.19 -6.59
C MET A 261 3.09 25.71 -5.31
N ASP A 262 2.30 26.29 -4.42
CA ASP A 262 2.75 26.72 -3.07
C ASP A 262 2.91 25.49 -2.16
N TYR A 263 4.00 25.49 -1.41
CA TYR A 263 4.29 24.61 -0.26
C TYR A 263 3.10 24.61 0.69
N PRO A 264 2.36 23.49 0.81
CA PRO A 264 1.23 23.41 1.72
C PRO A 264 1.63 23.08 3.16
N VAL A 265 1.27 23.95 4.09
CA VAL A 265 1.38 23.72 5.55
C VAL A 265 -0.03 23.44 6.08
N TYR A 266 -0.28 22.23 6.55
CA TYR A 266 -1.63 21.77 6.96
C TYR A 266 -1.81 22.08 8.45
N GLN A 267 -2.86 22.83 8.76
CA GLN A 267 -3.22 23.26 10.13
C GLN A 267 -4.41 22.44 10.62
N LYS A 268 -5.41 22.19 9.77
CA LYS A 268 -6.68 21.52 10.15
C LYS A 268 -6.39 20.24 10.97
N GLU A 269 -5.49 19.39 10.48
CA GLU A 269 -5.23 18.07 11.11
C GLU A 269 -4.46 18.23 12.42
N PHE A 270 -3.91 19.41 12.70
CA PHE A 270 -3.22 19.70 13.99
C PHE A 270 -4.06 20.67 14.83
N ASP A 271 -5.37 20.71 14.58
CA ASP A 271 -6.36 21.57 15.30
C ASP A 271 -5.89 23.03 15.30
N GLY A 272 -5.35 23.52 14.19
CA GLY A 272 -4.89 24.91 14.00
C GLY A 272 -3.58 25.22 14.70
N LYS A 273 -2.93 24.24 15.31
CA LYS A 273 -1.71 24.46 16.14
C LYS A 273 -0.62 23.50 15.70
N ARG A 274 -0.31 23.45 14.40
CA ARG A 274 0.81 22.61 13.87
C ARG A 274 2.14 23.13 14.44
N PRO A 275 2.84 22.33 15.27
CA PRO A 275 4.06 22.81 15.91
C PRO A 275 5.24 22.88 14.93
N SER A 276 5.78 24.08 14.73
N SER A 276 5.78 24.08 14.74
CA SER A 276 7.03 24.27 13.97
CA SER A 276 7.04 24.29 13.99
C SER A 276 8.18 23.60 14.75
C SER A 276 8.17 23.58 14.74
N TRP A 277 9.21 23.16 14.04
CA TRP A 277 10.38 22.45 14.63
C TRP A 277 10.90 23.20 15.87
N GLU A 278 11.08 24.51 15.77
CA GLU A 278 11.63 25.39 16.85
C GLU A 278 10.75 25.41 18.11
N THR A 279 9.48 25.01 18.01
CA THR A 279 8.46 24.95 19.14
C THR A 279 8.69 23.73 20.04
N LEU A 280 9.28 22.65 19.52
CA LEU A 280 9.51 21.43 20.31
C LEU A 280 10.63 21.71 21.32
N THR A 281 10.55 21.07 22.47
CA THR A 281 11.64 20.99 23.46
C THR A 281 12.81 20.21 22.87
N PRO A 282 14.03 20.41 23.41
CA PRO A 282 15.15 19.51 23.11
C PRO A 282 14.80 18.02 23.21
N LYS A 283 14.10 17.60 24.27
CA LYS A 283 13.80 16.17 24.45
C LYS A 283 12.87 15.72 23.31
N GLN A 284 11.85 16.51 22.99
CA GLN A 284 10.93 16.19 21.85
C GLN A 284 11.71 16.14 20.52
N GLN A 285 12.62 17.07 20.23
CA GLN A 285 13.41 17.07 18.98
C GLN A 285 14.25 15.79 18.92
N GLU A 286 14.97 15.46 20.00
CA GLU A 286 15.85 14.27 20.07
C GLU A 286 15.01 13.00 19.81
N GLN A 287 13.80 12.94 20.37
CA GLN A 287 12.92 11.77 20.20
C GLN A 287 12.45 11.73 18.73
N TRP A 288 12.09 12.86 18.15
CA TRP A 288 11.61 12.89 16.73
C TRP A 288 12.74 12.41 15.81
N ILE A 289 13.96 12.88 16.06
CA ILE A 289 15.17 12.51 15.27
C ILE A 289 15.38 11.00 15.33
N THR A 290 15.39 10.41 16.54
CA THR A 290 15.59 8.95 16.71
C THR A 290 14.47 8.19 15.99
N ASP A 291 13.23 8.62 16.17
CA ASP A 291 12.03 7.94 15.58
C ASP A 291 12.13 7.98 14.06
N MET A 292 12.38 9.15 13.47
CA MET A 292 12.40 9.30 11.99
C MET A 292 13.64 8.59 11.43
N ALA A 293 14.76 8.59 12.16
CA ALA A 293 15.98 7.92 11.67
C ALA A 293 15.69 6.43 11.64
N THR A 294 14.91 5.95 12.58
CA THR A 294 14.60 4.52 12.73
C THR A 294 13.66 4.14 11.58
N TYR A 295 12.62 4.95 11.37
CA TYR A 295 11.71 4.83 10.21
C TYR A 295 12.51 4.75 8.89
N ALA A 296 13.40 5.70 8.63
CA ALA A 296 14.29 5.73 7.45
C ALA A 296 15.08 4.41 7.38
N ALA A 297 15.67 3.94 8.49
CA ALA A 297 16.52 2.73 8.48
C ALA A 297 15.64 1.53 8.08
N MET A 298 14.41 1.51 8.55
CA MET A 298 13.49 0.36 8.30
C MET A 298 13.28 0.27 6.77
N ILE A 299 13.13 1.41 6.10
CA ILE A 299 12.93 1.47 4.64
C ILE A 299 14.23 1.15 3.91
N GLU A 300 15.36 1.68 4.39
CA GLU A 300 16.67 1.43 3.76
C GLU A 300 16.94 -0.09 3.77
N ILE A 301 16.57 -0.83 4.84
CA ILE A 301 16.81 -2.29 4.97
C ILE A 301 15.91 -3.03 3.97
N VAL A 302 14.68 -2.58 3.76
CA VAL A 302 13.82 -3.14 2.68
C VAL A 302 14.53 -2.92 1.35
N ASP A 303 15.06 -1.72 1.13
CA ASP A 303 15.70 -1.39 -0.15
C ASP A 303 16.90 -2.32 -0.36
N SER A 304 17.71 -2.54 0.68
CA SER A 304 18.88 -3.45 0.61
C SER A 304 18.38 -4.84 0.19
N GLY A 305 17.28 -5.27 0.77
CA GLY A 305 16.66 -6.57 0.51
C GLY A 305 16.18 -6.67 -0.93
N ILE A 306 15.62 -5.57 -1.47
N ILE A 306 15.65 -5.58 -1.49
CA ILE A 306 15.19 -5.52 -2.89
CA ILE A 306 15.20 -5.62 -2.91
C ILE A 306 16.44 -5.74 -3.75
C ILE A 306 16.43 -5.70 -3.81
N GLY A 307 17.54 -5.08 -3.41
CA GLY A 307 18.85 -5.28 -4.07
C GLY A 307 19.21 -6.76 -4.15
N GLU A 308 19.10 -7.45 -3.01
CA GLU A 308 19.42 -8.89 -2.90
C GLU A 308 18.50 -9.68 -3.81
N LEU A 309 17.22 -9.32 -3.87
CA LEU A 309 16.24 -10.12 -4.65
C LEU A 309 16.55 -9.94 -6.14
N VAL A 310 16.89 -8.72 -6.55
CA VAL A 310 17.23 -8.39 -7.95
C VAL A 310 18.49 -9.18 -8.32
N GLU A 311 19.48 -9.18 -7.44
CA GLU A 311 20.75 -9.93 -7.64
C GLU A 311 20.43 -11.41 -7.88
N THR A 312 19.48 -11.97 -7.13
CA THR A 312 19.15 -13.42 -7.22
C THR A 312 18.47 -13.70 -8.56
N ILE A 313 17.54 -12.83 -8.97
CA ILE A 313 16.87 -12.92 -10.29
C ILE A 313 17.92 -12.92 -11.40
N LYS A 314 18.94 -12.04 -11.31
CA LYS A 314 20.04 -12.02 -12.30
C LYS A 314 20.79 -13.34 -12.30
N GLU A 315 21.19 -13.85 -11.12
CA GLU A 315 22.00 -15.09 -11.00
C GLU A 315 21.26 -16.28 -11.63
N LYS A 316 19.93 -16.25 -11.53
CA LYS A 316 19.05 -17.36 -11.98
C LYS A 316 18.81 -17.23 -13.49
N GLY A 317 19.29 -16.18 -14.14
CA GLY A 317 19.11 -15.92 -15.58
C GLY A 317 17.67 -15.52 -15.91
N MET A 318 16.97 -14.94 -14.92
CA MET A 318 15.53 -14.61 -15.05
C MET A 318 15.29 -13.13 -15.34
N LEU A 319 16.31 -12.28 -15.31
CA LEU A 319 16.05 -10.83 -15.29
C LEU A 319 15.34 -10.36 -16.57
N ASP A 320 15.80 -10.82 -17.73
CA ASP A 320 15.28 -10.28 -19.01
C ASP A 320 13.81 -10.68 -19.20
N ASN A 321 13.31 -11.68 -18.49
CA ASN A 321 11.90 -12.10 -18.60
C ASN A 321 11.15 -11.81 -17.29
N THR A 322 11.54 -10.80 -16.53
CA THR A 322 10.92 -10.46 -15.22
C THR A 322 10.37 -9.04 -15.29
N VAL A 323 9.21 -8.83 -14.67
CA VAL A 323 8.63 -7.49 -14.42
C VAL A 323 8.56 -7.27 -12.91
N PHE A 324 9.07 -6.15 -12.44
CA PHE A 324 9.03 -5.74 -11.01
C PHE A 324 7.94 -4.66 -10.86
N ILE A 325 7.19 -4.78 -9.78
CA ILE A 325 6.16 -3.77 -9.41
C ILE A 325 6.37 -3.43 -7.93
N PHE A 326 6.40 -2.14 -7.59
CA PHE A 326 6.56 -1.67 -6.19
C PHE A 326 5.46 -0.68 -5.88
N LEU A 327 4.81 -0.84 -4.72
CA LEU A 327 3.85 0.17 -4.19
C LEU A 327 3.71 0.05 -2.67
N SER A 328 2.90 0.93 -2.08
CA SER A 328 2.54 0.95 -0.64
C SER A 328 1.06 0.65 -0.50
N ASP A 329 0.66 0.00 0.60
CA ASP A 329 -0.75 -0.36 0.85
C ASP A 329 -1.57 0.86 1.27
N ASN A 330 -0.96 1.89 1.87
CA ASN A 330 -1.67 3.06 2.39
C ASN A 330 -0.60 4.05 2.86
N GLY A 331 -1.02 5.28 2.99
CA GLY A 331 -0.18 6.43 3.35
C GLY A 331 0.35 6.28 4.77
N ALA A 332 1.27 7.16 5.14
CA ALA A 332 1.91 7.14 6.46
C ALA A 332 0.87 7.43 7.56
N THR A 333 1.11 6.88 8.75
CA THR A 333 0.16 6.84 9.87
C THR A 333 0.55 7.85 10.95
N LYS A 334 -0.44 8.37 11.69
CA LYS A 334 -0.21 9.15 12.92
C LYS A 334 -0.50 8.27 14.13
N GLU A 335 -0.69 6.96 13.94
CA GLU A 335 -1.03 6.02 15.04
C GLU A 335 0.06 5.98 16.13
N GLY A 336 1.28 6.41 15.84
CA GLY A 336 2.39 6.38 16.79
C GLY A 336 2.23 7.43 17.89
N GLY A 337 1.47 8.50 17.63
CA GLY A 337 1.27 9.60 18.59
C GLY A 337 1.69 10.93 18.01
N TYR A 338 1.88 11.91 18.88
CA TYR A 338 2.07 13.32 18.49
C TYR A 338 3.28 13.48 17.56
N LEU A 339 4.45 12.95 17.94
CA LEU A 339 5.64 13.06 17.06
C LEU A 339 5.42 12.20 15.81
N GLY A 340 4.70 11.09 15.95
CA GLY A 340 4.37 10.23 14.81
C GLY A 340 3.57 10.99 13.75
N GLN A 341 2.67 11.88 14.18
CA GLN A 341 1.88 12.69 13.22
C GLN A 341 2.84 13.59 12.42
N LEU A 342 3.89 14.10 13.04
CA LEU A 342 4.85 14.99 12.35
C LEU A 342 5.75 14.17 11.41
N MET A 343 6.11 12.93 11.79
CA MET A 343 6.73 11.96 10.85
C MET A 343 5.82 11.78 9.62
N ALA A 344 4.52 11.52 9.84
CA ALA A 344 3.56 11.19 8.75
C ALA A 344 3.36 12.44 7.86
N ASP A 345 3.34 13.64 8.43
CA ASP A 345 3.27 14.92 7.69
C ASP A 345 4.42 14.99 6.69
N LEU A 346 5.63 14.66 7.14
CA LEU A 346 6.82 14.59 6.28
C LEU A 346 6.63 13.49 5.24
N SER A 347 6.26 12.29 5.66
CA SER A 347 6.26 11.10 4.75
C SER A 347 5.23 11.27 3.64
N ASN A 348 4.10 11.90 3.94
CA ASN A 348 2.95 12.01 3.01
C ASN A 348 3.13 13.22 2.07
N THR A 349 4.18 14.02 2.24
CA THR A 349 4.39 15.23 1.42
C THR A 349 4.15 14.87 -0.05
N PRO A 350 3.37 15.66 -0.84
CA PRO A 350 2.83 16.95 -0.44
C PRO A 350 1.39 16.94 0.11
N TYR A 351 0.88 15.77 0.48
CA TYR A 351 -0.56 15.51 0.68
C TYR A 351 -0.97 15.55 2.16
N ARG A 352 -2.24 15.87 2.39
CA ARG A 352 -2.84 16.09 3.73
C ARG A 352 -3.32 14.77 4.30
N SER A 353 -3.39 14.73 5.64
CA SER A 353 -3.99 13.64 6.40
C SER A 353 -3.19 12.34 6.21
N TYR A 354 -3.75 11.23 6.62
CA TYR A 354 -2.99 10.03 7.02
C TYR A 354 -3.77 8.77 6.66
N LYS A 355 -3.09 7.67 6.87
CA LYS A 355 -3.68 6.30 6.97
C LYS A 355 -5.03 6.38 7.69
N SER A 356 -6.00 5.61 7.19
CA SER A 356 -7.35 5.38 7.77
C SER A 356 -8.39 6.40 7.32
N GLN A 357 -8.01 7.44 6.57
CA GLN A 357 -9.00 8.32 5.91
C GLN A 357 -8.67 8.43 4.43
N CYS A 358 -9.61 8.99 3.67
CA CYS A 358 -9.60 8.88 2.20
C CYS A 358 -9.12 10.18 1.55
N PHE A 359 -8.41 11.03 2.29
CA PHE A 359 -7.74 12.18 1.69
C PHE A 359 -6.51 11.65 0.92
N GLN A 360 -5.81 12.55 0.26
CA GLN A 360 -4.67 12.22 -0.60
C GLN A 360 -3.55 11.61 0.23
N GLY A 361 -3.32 12.06 1.48
CA GLY A 361 -2.22 11.54 2.30
C GLY A 361 -2.39 10.08 2.64
N GLY A 362 -3.62 9.65 2.87
CA GLY A 362 -3.88 8.25 3.25
C GLY A 362 -3.92 7.31 2.05
N THR A 363 -4.17 7.83 0.84
CA THR A 363 -4.52 7.01 -0.37
C THR A 363 -3.45 7.12 -1.47
N SER A 364 -2.55 8.11 -1.47
CA SER A 364 -1.54 8.27 -2.54
C SER A 364 -0.30 7.41 -2.27
N THR A 365 0.11 6.60 -3.25
CA THR A 365 1.29 5.74 -3.10
C THR A 365 2.23 5.92 -4.29
N PRO A 366 3.54 5.71 -4.08
CA PRO A 366 4.43 5.49 -5.21
C PRO A 366 3.91 4.25 -5.93
N PHE A 367 4.16 4.15 -7.23
CA PHE A 367 3.91 2.92 -8.00
C PHE A 367 4.95 2.86 -9.11
N ILE A 368 5.79 1.83 -9.06
CA ILE A 368 6.84 1.58 -10.09
C ILE A 368 6.53 0.27 -10.82
N LEU A 369 6.72 0.26 -12.13
CA LEU A 369 6.64 -0.94 -12.99
C LEU A 369 7.89 -0.92 -13.85
N SER A 370 8.70 -1.98 -13.74
CA SER A 370 10.07 -2.03 -14.30
C SER A 370 10.29 -3.39 -14.95
N TYR A 371 10.49 -3.41 -16.27
CA TYR A 371 10.90 -4.64 -16.98
C TYR A 371 12.40 -4.82 -16.81
N GLY A 372 12.81 -6.04 -16.49
CA GLY A 372 14.24 -6.39 -16.40
C GLY A 372 14.94 -6.26 -17.75
N ASP A 373 14.21 -6.51 -18.83
CA ASP A 373 14.66 -6.26 -20.22
C ASP A 373 14.51 -4.74 -20.52
N ALA A 374 15.64 -4.03 -20.57
CA ALA A 374 15.71 -2.57 -20.78
C ALA A 374 14.82 -2.15 -21.97
N GLU A 375 14.75 -2.95 -23.04
CA GLU A 375 14.05 -2.58 -24.30
C GLU A 375 12.54 -2.61 -24.08
N LYS A 376 12.05 -3.34 -23.08
CA LYS A 376 10.59 -3.46 -22.82
C LYS A 376 10.09 -2.25 -22.02
N ASN A 377 10.98 -1.39 -21.52
CA ASN A 377 10.60 -0.14 -20.82
C ASN A 377 10.42 0.99 -21.84
N LYS A 378 9.18 1.31 -22.23
CA LYS A 378 8.93 2.26 -23.35
C LYS A 378 8.91 3.70 -22.83
N MET A 379 8.82 3.93 -21.51
CA MET A 379 8.86 5.29 -20.91
C MET A 379 10.00 5.31 -19.88
N LYS A 380 11.18 4.81 -20.24
CA LYS A 380 12.33 4.63 -19.32
C LYS A 380 12.59 5.90 -18.50
N GLY A 381 12.56 5.82 -17.17
CA GLY A 381 12.89 6.95 -16.27
C GLY A 381 11.78 7.98 -16.19
N GLN A 382 10.63 7.78 -16.81
CA GLN A 382 9.58 8.85 -16.90
C GLN A 382 8.49 8.65 -15.85
N ILE A 383 7.60 9.63 -15.74
CA ILE A 383 6.35 9.56 -14.93
C ILE A 383 5.16 9.32 -15.86
N CYS A 384 4.35 8.30 -15.57
CA CYS A 384 3.05 8.04 -16.21
C CYS A 384 1.94 8.64 -15.33
N ARG A 385 1.17 9.59 -15.90
CA ARG A 385 0.13 10.35 -15.18
C ARG A 385 -1.26 9.73 -15.37
N GLN A 386 -1.37 8.45 -15.71
CA GLN A 386 -2.66 7.72 -15.73
C GLN A 386 -3.21 7.59 -14.31
N PRO A 387 -4.39 8.16 -13.99
CA PRO A 387 -5.02 7.85 -12.70
C PRO A 387 -5.27 6.35 -12.57
N ALA A 388 -4.99 5.83 -11.39
CA ALA A 388 -4.98 4.38 -11.15
C ALA A 388 -5.30 4.08 -9.69
N HIS A 389 -5.69 2.84 -9.46
CA HIS A 389 -6.07 2.34 -8.12
C HIS A 389 -5.50 0.94 -7.94
N ILE A 390 -5.38 0.49 -6.69
CA ILE A 390 -4.80 -0.84 -6.36
C ILE A 390 -5.64 -1.98 -6.94
N ILE A 391 -6.92 -1.73 -7.30
CA ILE A 391 -7.73 -2.73 -8.04
C ILE A 391 -7.09 -3.02 -9.41
N ASP A 392 -6.24 -2.13 -9.91
CA ASP A 392 -5.62 -2.27 -11.27
C ASP A 392 -4.47 -3.28 -11.27
N ILE A 393 -4.00 -3.71 -10.11
CA ILE A 393 -2.82 -4.62 -10.04
C ILE A 393 -3.16 -5.96 -10.72
N LEU A 394 -4.29 -6.54 -10.40
CA LEU A 394 -4.60 -7.88 -10.95
C LEU A 394 -4.75 -7.82 -12.48
N PRO A 395 -5.61 -6.97 -13.08
CA PRO A 395 -5.71 -6.94 -14.54
C PRO A 395 -4.36 -6.57 -15.21
N THR A 396 -3.51 -5.72 -14.59
CA THR A 396 -2.16 -5.41 -15.11
C THR A 396 -1.32 -6.71 -15.15
N CYS A 397 -1.31 -7.49 -14.07
CA CYS A 397 -0.56 -8.77 -13.95
C CYS A 397 -1.13 -9.79 -14.95
N MET A 398 -2.43 -9.78 -15.16
CA MET A 398 -3.03 -10.70 -16.17
C MET A 398 -2.59 -10.32 -17.60
N ASP A 399 -2.45 -9.03 -17.88
CA ASP A 399 -2.01 -8.50 -19.20
C ASP A 399 -0.52 -8.89 -19.39
N ILE A 400 0.31 -8.68 -18.37
CA ILE A 400 1.75 -9.06 -18.43
C ILE A 400 1.87 -10.53 -18.82
N ALA A 401 1.04 -11.37 -18.21
CA ALA A 401 1.07 -12.84 -18.34
C ALA A 401 0.21 -13.34 -19.50
N THR A 402 -0.52 -12.48 -20.21
CA THR A 402 -1.57 -12.94 -21.16
C THR A 402 -2.34 -14.07 -20.49
N ALA A 403 -2.79 -13.83 -19.25
CA ALA A 403 -3.46 -14.86 -18.42
C ALA A 403 -4.97 -14.75 -18.64
N THR A 404 -5.64 -15.91 -18.60
N THR A 404 -5.67 -15.89 -18.58
CA THR A 404 -7.12 -16.05 -18.62
CA THR A 404 -7.15 -15.92 -18.65
C THR A 404 -7.64 -16.22 -17.19
C THR A 404 -7.70 -16.26 -17.26
N TYR A 405 -8.80 -15.62 -16.89
CA TYR A 405 -9.44 -15.74 -15.57
C TYR A 405 -9.88 -17.19 -15.43
N PRO A 406 -9.77 -17.80 -14.23
CA PRO A 406 -10.22 -19.19 -14.04
C PRO A 406 -11.67 -19.31 -14.54
N SER A 407 -11.94 -20.38 -15.32
CA SER A 407 -13.21 -20.59 -16.07
C SER A 407 -14.40 -20.80 -15.12
N GLU A 408 -14.17 -21.18 -13.87
CA GLU A 408 -15.27 -21.46 -12.90
C GLU A 408 -15.85 -20.14 -12.33
N PHE A 409 -15.21 -18.99 -12.58
CA PHE A 409 -15.68 -17.67 -12.09
C PHE A 409 -15.96 -16.74 -13.28
N LYS A 410 -17.02 -15.94 -13.17
CA LYS A 410 -17.32 -14.86 -14.14
C LYS A 410 -16.33 -13.71 -13.90
N GLU A 411 -15.66 -13.27 -14.96
CA GLU A 411 -14.68 -12.16 -14.89
C GLU A 411 -15.43 -10.83 -14.88
N ASN A 412 -15.39 -10.12 -13.75
CA ASN A 412 -16.15 -8.86 -13.56
C ASN A 412 -15.21 -7.82 -12.96
N LEU A 413 -13.92 -7.87 -13.29
CA LEU A 413 -12.91 -7.01 -12.63
C LEU A 413 -13.21 -5.55 -12.96
N PRO A 414 -13.33 -4.69 -11.93
CA PRO A 414 -13.63 -3.27 -12.16
C PRO A 414 -12.44 -2.42 -12.61
N GLY A 415 -11.22 -2.93 -12.42
CA GLY A 415 -10.00 -2.17 -12.70
C GLY A 415 -9.55 -2.30 -14.14
N LYS A 416 -8.42 -1.68 -14.46
CA LYS A 416 -7.86 -1.62 -15.83
C LYS A 416 -6.40 -2.08 -15.84
N SER A 417 -5.96 -2.74 -16.92
CA SER A 417 -4.51 -2.95 -17.18
C SER A 417 -3.83 -1.59 -17.27
N LEU A 418 -2.71 -1.43 -16.61
CA LEU A 418 -1.96 -0.15 -16.72
C LEU A 418 -0.87 -0.31 -17.81
N LEU A 419 -0.88 -1.41 -18.57
CA LEU A 419 0.16 -1.59 -19.62
C LEU A 419 -0.04 -0.60 -20.78
N PRO A 420 -1.28 -0.39 -21.32
CA PRO A 420 -1.43 0.48 -22.48
C PRO A 420 -0.83 1.88 -22.34
N PRO A 421 -1.11 2.64 -21.27
CA PRO A 421 -0.53 3.98 -21.17
C PRO A 421 1.00 4.00 -21.00
N ILE A 422 1.63 2.91 -20.56
N ILE A 422 1.55 2.90 -20.50
CA ILE A 422 3.13 2.93 -20.52
CA ILE A 422 3.03 2.71 -20.38
C ILE A 422 3.70 2.32 -21.80
C ILE A 422 3.61 2.51 -21.80
N HIS A 423 2.83 1.90 -22.72
CA HIS A 423 3.25 1.52 -24.10
C HIS A 423 2.72 2.54 -25.11
N GLY A 424 2.51 3.78 -24.69
CA GLY A 424 2.20 4.88 -25.62
C GLY A 424 0.71 5.16 -25.83
N LYS A 425 -0.22 4.32 -25.37
CA LYS A 425 -1.67 4.56 -25.58
C LYS A 425 -2.15 5.71 -24.69
N LYS A 426 -3.22 6.38 -25.10
CA LYS A 426 -3.71 7.61 -24.43
C LYS A 426 -4.17 7.28 -22.99
N ILE A 427 -3.99 8.23 -22.08
CA ILE A 427 -4.57 8.12 -20.70
C ILE A 427 -6.10 8.01 -20.84
N LYS A 428 -6.72 7.20 -19.98
CA LYS A 428 -8.18 7.01 -19.94
C LYS A 428 -8.71 7.68 -18.69
N PRO A 429 -9.86 8.35 -18.80
CA PRO A 429 -10.56 8.86 -17.62
C PRO A 429 -10.94 7.73 -16.66
N ARG A 430 -10.91 8.02 -15.36
CA ARG A 430 -11.23 6.99 -14.34
C ARG A 430 -12.31 7.52 -13.40
N GLU A 431 -13.06 6.59 -12.83
CA GLU A 431 -13.95 6.86 -11.68
C GLU A 431 -13.56 5.86 -10.60
N LEU A 432 -12.99 6.38 -9.52
CA LEU A 432 -12.39 5.56 -8.43
C LEU A 432 -13.12 5.85 -7.12
N TYR A 433 -13.30 4.81 -6.32
CA TYR A 433 -14.16 4.85 -5.11
C TYR A 433 -13.36 4.46 -3.86
N PHE A 434 -13.69 5.12 -2.76
CA PHE A 434 -12.99 4.99 -1.47
C PHE A 434 -14.02 5.00 -0.34
N GLU A 435 -13.78 4.15 0.66
CA GLU A 435 -14.50 4.25 1.95
C GLU A 435 -13.65 3.58 3.03
N HIS A 436 -13.54 4.21 4.17
CA HIS A 436 -12.91 3.61 5.35
C HIS A 436 -13.44 4.30 6.61
N GLN A 437 -14.11 3.56 7.48
CA GLN A 437 -14.58 4.10 8.81
C GLN A 437 -15.47 5.34 8.60
N SER A 438 -16.26 5.34 7.53
CA SER A 438 -17.19 6.43 7.12
C SER A 438 -16.44 7.64 6.55
N SER A 439 -15.10 7.59 6.42
CA SER A 439 -14.39 8.50 5.49
C SER A 439 -14.73 7.97 4.09
N CYS A 440 -15.09 8.84 3.17
CA CYS A 440 -15.65 8.45 1.85
C CYS A 440 -15.00 9.33 0.79
N ALA A 441 -14.74 8.79 -0.39
CA ALA A 441 -14.34 9.62 -1.54
C ALA A 441 -14.72 8.94 -2.84
N ILE A 442 -15.01 9.80 -3.82
CA ILE A 442 -15.08 9.42 -5.26
C ILE A 442 -14.13 10.37 -5.99
N ILE A 443 -13.25 9.83 -6.80
CA ILE A 443 -12.51 10.60 -7.85
C ILE A 443 -13.22 10.28 -9.16
N SER A 444 -13.71 11.32 -9.84
CA SER A 444 -14.40 11.20 -11.13
C SER A 444 -13.80 12.22 -12.10
N ASN A 445 -13.04 11.78 -13.10
CA ASN A 445 -12.25 12.71 -13.93
C ASN A 445 -11.35 13.52 -12.99
N HIS A 446 -11.39 14.84 -13.08
CA HIS A 446 -10.49 15.73 -12.30
C HIS A 446 -11.11 16.08 -10.94
N TRP A 447 -12.33 15.62 -10.67
CA TRP A 447 -13.09 15.98 -9.45
C TRP A 447 -12.87 14.94 -8.37
N LYS A 448 -12.74 15.42 -7.13
CA LYS A 448 -12.75 14.53 -5.94
C LYS A 448 -13.82 15.04 -4.98
N LEU A 449 -14.77 14.19 -4.66
CA LEU A 449 -15.72 14.49 -3.55
C LEU A 449 -15.26 13.64 -2.35
N VAL A 450 -14.98 14.28 -1.23
CA VAL A 450 -14.34 13.58 -0.07
C VAL A 450 -14.88 14.12 1.27
N ARG A 451 -15.02 13.21 2.24
CA ARG A 451 -15.40 13.58 3.63
C ARG A 451 -14.53 12.79 4.59
N GLY A 452 -14.16 13.41 5.70
CA GLY A 452 -13.30 12.78 6.72
C GLY A 452 -14.03 11.67 7.47
N SER A 453 -15.34 11.81 7.62
CA SER A 453 -16.25 10.88 8.32
C SER A 453 -17.68 11.28 7.98
N ARG A 454 -18.63 10.50 8.46
CA ARG A 454 -20.07 10.86 8.38
C ARG A 454 -20.38 12.11 9.24
N ASN A 455 -19.52 12.50 10.18
CA ASN A 455 -19.73 13.70 11.04
C ASN A 455 -19.18 14.97 10.37
N GLU A 456 -18.65 14.85 9.15
CA GLU A 456 -17.99 15.97 8.42
C GLU A 456 -18.67 16.10 7.07
N PRO A 457 -18.83 17.32 6.52
CA PRO A 457 -19.53 17.51 5.26
C PRO A 457 -18.65 17.05 4.10
N TRP A 458 -19.29 16.72 2.98
CA TRP A 458 -18.55 16.49 1.70
C TRP A 458 -17.78 17.76 1.34
N GLU A 459 -16.54 17.59 0.89
CA GLU A 459 -15.72 18.67 0.31
C GLU A 459 -15.51 18.33 -1.17
N LEU A 460 -15.64 19.31 -2.06
CA LEU A 460 -15.43 19.14 -3.51
C LEU A 460 -14.09 19.76 -3.87
N ILE A 461 -13.20 18.94 -4.43
CA ILE A 461 -11.82 19.33 -4.78
C ILE A 461 -11.63 19.16 -6.29
N ASP A 462 -11.16 20.23 -6.94
CA ASP A 462 -10.68 20.13 -8.34
C ASP A 462 -9.21 19.69 -8.28
N LEU A 463 -8.97 18.40 -8.49
CA LEU A 463 -7.61 17.81 -8.39
C LEU A 463 -6.69 18.39 -9.45
N SER A 464 -7.20 18.90 -10.58
CA SER A 464 -6.35 19.42 -11.69
C SER A 464 -5.66 20.71 -11.24
N ALA A 465 -6.33 21.52 -10.42
CA ALA A 465 -5.86 22.85 -9.97
C ALA A 465 -5.43 22.81 -8.50
N ASP A 466 -5.99 21.88 -7.73
CA ASP A 466 -5.90 21.85 -6.24
C ASP A 466 -5.63 20.41 -5.83
N PRO A 467 -4.49 19.80 -6.25
CA PRO A 467 -4.23 18.40 -5.90
C PRO A 467 -4.05 18.18 -4.38
N PHE A 468 -3.73 19.24 -3.62
CA PHE A 468 -3.45 19.15 -2.15
C PHE A 468 -4.75 19.28 -1.34
N GLU A 469 -5.92 19.37 -2.00
CA GLU A 469 -7.24 19.37 -1.31
C GLU A 469 -7.31 20.55 -0.32
N THR A 470 -7.00 21.76 -0.77
CA THR A 470 -6.97 22.98 0.06
C THR A 470 -8.21 23.85 -0.10
N LYS A 471 -8.98 23.72 -1.18
CA LYS A 471 -10.08 24.68 -1.51
C LYS A 471 -11.36 23.91 -1.79
N ASP A 472 -12.28 23.90 -0.83
CA ASP A 472 -13.59 23.26 -0.97
C ASP A 472 -14.47 24.13 -1.89
N LEU A 473 -14.93 23.57 -3.00
CA LEU A 473 -15.78 24.23 -4.02
C LEU A 473 -17.23 23.82 -3.87
N SER A 474 -17.60 23.08 -2.80
CA SER A 474 -18.94 22.44 -2.71
C SER A 474 -20.04 23.52 -2.80
N ALA A 475 -19.85 24.70 -2.20
CA ALA A 475 -20.83 25.83 -2.23
C ALA A 475 -21.02 26.28 -3.66
N GLN A 476 -19.94 26.25 -4.45
CA GLN A 476 -19.91 26.80 -5.83
C GLN A 476 -20.55 25.82 -6.82
N TYR A 477 -20.60 24.52 -6.54
CA TYR A 477 -21.10 23.50 -7.50
C TYR A 477 -22.06 22.52 -6.83
N PRO A 478 -23.20 22.99 -6.27
CA PRO A 478 -24.07 22.09 -5.50
C PRO A 478 -24.63 20.96 -6.36
N LYS A 479 -24.87 21.17 -7.66
CA LYS A 479 -25.45 20.13 -8.57
C LYS A 479 -24.42 19.02 -8.74
N LEU A 480 -23.16 19.39 -8.86
CA LEU A 480 -22.08 18.39 -9.09
C LEU A 480 -21.86 17.59 -7.79
N VAL A 481 -21.89 18.27 -6.65
CA VAL A 481 -21.81 17.60 -5.32
C VAL A 481 -22.89 16.51 -5.32
N LYS A 482 -24.13 16.87 -5.66
CA LYS A 482 -25.27 15.91 -5.66
C LYS A 482 -24.99 14.75 -6.62
N LYS A 483 -24.48 15.03 -7.83
CA LYS A 483 -24.25 13.97 -8.84
C LYS A 483 -23.15 13.01 -8.34
N LEU A 484 -22.07 13.56 -7.81
CA LEU A 484 -20.90 12.72 -7.34
C LEU A 484 -21.32 11.93 -6.11
N GLU A 485 -22.10 12.56 -5.25
CA GLU A 485 -22.63 11.89 -4.04
C GLU A 485 -23.50 10.71 -4.50
N ALA A 486 -24.34 10.91 -5.51
CA ALA A 486 -25.25 9.83 -6.00
C ALA A 486 -24.43 8.71 -6.65
N LYS A 487 -23.36 9.04 -7.35
CA LYS A 487 -22.47 7.99 -7.93
C LYS A 487 -21.84 7.18 -6.79
N TRP A 488 -21.32 7.86 -5.78
CA TRP A 488 -20.70 7.18 -4.61
C TRP A 488 -21.72 6.27 -3.90
N ASN A 489 -22.92 6.78 -3.66
CA ASN A 489 -23.97 5.97 -2.95
C ASN A 489 -24.36 4.75 -3.80
N LYS A 490 -24.42 4.87 -5.13
CA LYS A 490 -24.78 3.71 -5.99
C LYS A 490 -23.69 2.63 -5.88
N TRP A 491 -22.43 3.05 -5.98
CA TRP A 491 -21.26 2.15 -5.85
C TRP A 491 -21.31 1.48 -4.47
N ALA A 492 -21.50 2.28 -3.42
CA ALA A 492 -21.49 1.80 -2.03
C ALA A 492 -22.59 0.75 -1.82
N LYS A 493 -23.80 1.03 -2.29
CA LYS A 493 -24.90 0.07 -2.10
C LYS A 493 -24.55 -1.23 -2.83
N GLN A 494 -24.07 -1.13 -4.07
CA GLN A 494 -23.77 -2.31 -4.92
C GLN A 494 -22.65 -3.14 -4.27
N CYS A 495 -21.71 -2.53 -3.54
CA CYS A 495 -20.48 -3.21 -3.02
C CYS A 495 -20.65 -3.68 -1.57
N ASN A 496 -21.84 -3.56 -0.97
CA ASN A 496 -22.13 -3.90 0.45
C ASN A 496 -21.27 -3.06 1.40
N VAL A 497 -21.15 -1.78 1.08
CA VAL A 497 -20.50 -0.79 1.97
C VAL A 497 -21.43 -0.42 3.14
N PHE A 498 -22.76 -0.49 2.95
CA PHE A 498 -23.71 -0.01 3.99
C PHE A 498 -24.20 -1.13 4.89
N PRO A 499 -24.59 -0.84 6.14
CA PRO A 499 -24.37 0.47 6.78
C PRO A 499 -22.92 0.85 7.04
N LEU A 500 -22.64 2.15 6.99
CA LEU A 500 -21.34 2.67 7.44
C LEU A 500 -21.17 2.48 8.95
N GLU A 501 -19.93 2.35 9.37
CA GLU A 501 -19.54 2.14 10.79
C GLU A 501 -18.33 3.01 11.10
N ASN A 502 -18.31 3.70 12.24
CA ASN A 502 -17.18 4.58 12.63
C ASN A 502 -16.86 4.44 14.13
N LYS A 503 -17.39 3.46 14.83
CA LYS A 503 -16.97 3.26 16.26
C LYS A 503 -15.46 3.12 16.30
N PRO A 504 -14.72 3.78 17.23
CA PRO A 504 -13.28 3.61 17.28
C PRO A 504 -12.90 2.16 17.60
N TRP A 505 -11.65 1.81 17.29
CA TRP A 505 -11.06 0.45 17.24
C TRP A 505 -11.58 -0.46 18.35
N THR A 506 -11.29 -0.15 19.61
CA THR A 506 -11.64 -1.05 20.74
C THR A 506 -13.16 -1.18 20.89
N GLU A 507 -13.88 -0.06 20.85
CA GLU A 507 -15.36 -0.07 21.01
C GLU A 507 -15.97 -0.91 19.88
N ARG A 508 -15.46 -0.75 18.66
CA ARG A 508 -16.02 -1.45 17.49
C ARG A 508 -15.83 -2.95 17.65
N ILE A 509 -14.62 -3.38 17.98
CA ILE A 509 -14.31 -4.83 18.17
C ILE A 509 -15.23 -5.38 19.26
N ASN A 510 -15.34 -4.70 20.38
CA ASN A 510 -16.18 -5.21 21.50
C ASN A 510 -17.64 -5.34 21.08
N TYR A 511 -18.16 -4.36 20.35
CA TYR A 511 -19.56 -4.36 19.87
C TYR A 511 -19.82 -5.60 19.04
N TYR A 512 -18.96 -5.88 18.06
CA TYR A 512 -19.20 -7.00 17.13
C TYR A 512 -18.86 -8.35 17.80
N LEU A 513 -17.88 -8.41 18.70
CA LEU A 513 -17.62 -9.61 19.50
C LEU A 513 -18.88 -9.94 20.34
N LYS A 514 -19.54 -8.91 20.89
CA LYS A 514 -20.80 -9.10 21.67
C LYS A 514 -21.88 -9.62 20.73
N GLN A 515 -22.06 -8.99 19.58
CA GLN A 515 -23.10 -9.42 18.61
C GLN A 515 -22.86 -10.88 18.22
N ASN A 516 -21.63 -11.26 17.91
CA ASN A 516 -21.32 -12.63 17.45
C ASN A 516 -19.85 -12.93 17.70
N PRO A 517 -19.51 -13.60 18.83
CA PRO A 517 -18.12 -13.91 19.17
C PRO A 517 -17.48 -15.02 18.33
N ASP A 518 -18.20 -15.58 17.35
CA ASP A 518 -17.64 -16.54 16.39
C ASP A 518 -16.66 -15.80 15.46
N GLN A 519 -15.36 -15.95 15.70
CA GLN A 519 -14.30 -15.24 14.94
C GLN A 519 -13.46 -16.29 14.22
N SER A 520 -14.09 -17.41 13.83
CA SER A 520 -13.43 -18.56 13.17
C SER A 520 -13.18 -18.25 11.69
N GLY A 521 -13.94 -17.34 11.07
CA GLY A 521 -13.89 -17.10 9.62
C GLY A 521 -14.22 -18.36 8.79
N ILE A 522 -15.05 -19.27 9.29
CA ILE A 522 -15.39 -20.50 8.50
C ILE A 522 -16.41 -20.16 7.42
C1 NDG B . -5.15 0.98 18.57
C2 NDG B . -4.96 -0.52 18.43
C3 NDG B . -4.16 -0.84 17.17
C4 NDG B . -4.78 -0.16 15.94
C5 NDG B . -5.08 1.32 16.17
C6 NDG B . -5.96 1.89 15.07
C7 NDG B . -5.00 -1.86 20.52
C8 NDG B . -4.16 -2.76 21.36
O5 NDG B . -5.79 1.53 17.42
O3 NDG B . -4.11 -2.25 16.98
O4 NDG B . -3.87 -0.21 14.85
O6 NDG B . -6.00 3.30 15.11
O7 NDG B . -6.22 -1.82 20.66
N2 NDG B . -4.36 -1.11 19.61
O1 NDG B . -3.89 1.56 18.76
C1 GAL B . -4.07 -1.20 13.85
C2 GAL B . -3.36 -0.78 12.55
C3 GAL B . -3.12 -2.01 11.64
C4 GAL B . -2.70 -3.27 12.36
C5 GAL B . -3.65 -3.55 13.50
C6 GAL B . -3.28 -4.77 14.32
O2 GAL B . -4.08 0.25 11.83
O3 GAL B . -2.12 -1.66 10.72
O4 GAL B . -1.38 -3.12 12.89
O5 GAL B . -3.58 -2.42 14.38
O6 GAL B . -3.26 -5.98 13.54
CA CA C . -0.55 -0.64 5.86
I IOD D . 21.26 -20.04 -7.21
I IOD E . -7.53 13.24 -20.03
I IOD F . 20.11 -3.32 -13.08
I IOD G . 5.94 -3.98 20.32
#